data_3H70
#
_entry.id   3H70
#
_cell.length_a   59.081
_cell.length_b   40.271
_cell.length_c   72.386
_cell.angle_alpha   90.00
_cell.angle_beta   92.75
_cell.angle_gamma   90.00
#
_symmetry.space_group_name_H-M   'P 1 21 1'
#
loop_
_entity.id
_entity.type
_entity.pdbx_description
1 polymer 'O-succinylbenzoic acid (OSB) synthetase'
2 non-polymer 'MAGNESIUM ION'
3 water water
#
_entity_poly.entity_id   1
_entity_poly.type   'polypeptide(L)'
_entity_poly.pdbx_seq_one_letter_code
;MSLKLTALHFYKYSEPFKSQIVTPKVTLTHRDCLFIELIDDKGNAYFGECNAFQTDWYDHETIASVKHVIEQWFEDNRNK
SFETYEAALKLVDSLENTPAARATIVMALYQMFHVLPSFSVAYGATASGLSNKQLESLKATKPTRIKLKWTPQIMHQIRV
LRELDFHFQLVIDANESLDRQDFTQLQLLAREQVLYIEEPFKDISMLDEVADGTIPPIALDEKATSLLDIINLIELYNVK
VVVLKPFRLGGIDKVQTAIDTLKSHGAKVVIGGMYEYGLSRYFTAMLARKGDYPGDVTPAGYYFEQDVVAHSGILKEGRL
EFRPPLVDITQLQPYEGHHHHHH
;
_entity_poly.pdbx_strand_id   A
#
loop_
_chem_comp.id
_chem_comp.type
_chem_comp.name
_chem_comp.formula
MG non-polymer 'MAGNESIUM ION' 'Mg 2'
#
# COMPACT_ATOMS: atom_id res chain seq x y z
N SER A 2 26.59 -7.19 17.96
CA SER A 2 26.87 -7.15 16.50
C SER A 2 26.10 -8.25 15.78
N LEU A 3 25.85 -8.05 14.48
CA LEU A 3 25.12 -9.02 13.68
C LEU A 3 25.74 -9.22 12.31
N LYS A 4 25.54 -10.41 11.75
CA LYS A 4 26.04 -10.77 10.43
C LYS A 4 24.95 -11.60 9.75
N LEU A 5 24.74 -11.39 8.46
CA LEU A 5 23.73 -12.17 7.73
C LEU A 5 24.43 -13.37 7.12
N THR A 6 23.97 -14.57 7.49
CA THR A 6 24.61 -15.79 7.00
C THR A 6 23.86 -16.58 5.94
N ALA A 7 22.54 -16.44 5.87
CA ALA A 7 21.79 -17.18 4.87
C ALA A 7 20.61 -16.39 4.32
N LEU A 8 20.20 -16.75 3.11
CA LEU A 8 19.08 -16.11 2.44
C LEU A 8 18.26 -17.16 1.72
N HIS A 9 16.94 -17.13 1.91
CA HIS A 9 16.06 -18.09 1.25
C HIS A 9 14.90 -17.34 0.62
N PHE A 10 14.45 -17.80 -0.54
CA PHE A 10 13.33 -17.21 -1.25
C PHE A 10 12.14 -18.15 -1.21
N TYR A 11 10.96 -17.59 -0.97
CA TYR A 11 9.73 -18.38 -0.92
C TYR A 11 8.66 -17.69 -1.75
N LYS A 12 7.61 -18.42 -2.08
CA LYS A 12 6.50 -17.86 -2.83
C LYS A 12 5.21 -18.19 -2.12
N TYR A 13 4.24 -17.29 -2.23
CA TYR A 13 2.91 -17.49 -1.66
C TYR A 13 1.98 -17.02 -2.77
N SER A 14 0.92 -17.77 -3.03
CA SER A 14 0.00 -17.38 -4.10
C SER A 14 -1.43 -17.81 -3.83
N GLU A 15 -2.16 -16.98 -3.10
CA GLU A 15 -3.54 -17.26 -2.78
C GLU A 15 -4.48 -16.60 -3.77
N PRO A 16 -5.63 -17.22 -4.02
CA PRO A 16 -6.58 -16.61 -4.96
C PRO A 16 -7.30 -15.43 -4.31
N PHE A 17 -7.67 -14.46 -5.12
CA PHE A 17 -8.43 -13.32 -4.63
C PHE A 17 -9.85 -13.83 -4.46
N LYS A 18 -10.53 -13.45 -3.38
CA LYS A 18 -11.89 -13.93 -3.17
C LYS A 18 -12.74 -13.52 -4.37
N SER A 19 -12.58 -12.27 -4.79
CA SER A 19 -13.26 -11.75 -5.97
C SER A 19 -12.15 -11.46 -6.97
N GLN A 20 -12.28 -12.00 -8.17
CA GLN A 20 -11.27 -11.78 -9.19
C GLN A 20 -11.02 -10.28 -9.38
N ILE A 21 -9.76 -9.90 -9.48
CA ILE A 21 -9.41 -8.49 -9.68
C ILE A 21 -9.49 -8.19 -11.17
N VAL A 22 -10.28 -7.19 -11.53
CA VAL A 22 -10.46 -6.82 -12.93
C VAL A 22 -10.33 -5.31 -13.09
N THR A 23 -9.25 -4.88 -13.73
CA THR A 23 -9.01 -3.45 -13.96
C THR A 23 -8.48 -3.25 -15.38
N PRO A 24 -8.46 -2.00 -15.87
CA PRO A 24 -7.97 -1.74 -17.22
C PRO A 24 -6.52 -2.19 -17.42
N LYS A 25 -5.75 -2.19 -16.33
CA LYS A 25 -4.35 -2.57 -16.38
C LYS A 25 -4.07 -4.06 -16.23
N VAL A 26 -4.97 -4.78 -15.56
CA VAL A 26 -4.71 -6.19 -15.34
C VAL A 26 -5.90 -6.99 -14.83
N THR A 27 -5.78 -8.30 -14.99
CA THR A 27 -6.75 -9.25 -14.48
C THR A 27 -5.91 -10.11 -13.55
N LEU A 28 -6.32 -10.23 -12.30
CA LEU A 28 -5.59 -11.03 -11.33
C LEU A 28 -6.50 -12.06 -10.68
N THR A 29 -6.13 -13.33 -10.78
CA THR A 29 -6.90 -14.39 -10.15
C THR A 29 -6.27 -14.71 -8.80
N HIS A 30 -4.96 -14.54 -8.72
CA HIS A 30 -4.19 -14.81 -7.50
C HIS A 30 -3.19 -13.69 -7.25
N ARG A 31 -2.68 -13.61 -6.03
CA ARG A 31 -1.66 -12.62 -5.70
C ARG A 31 -0.34 -13.33 -5.49
N ASP A 32 0.41 -13.55 -6.57
CA ASP A 32 1.71 -14.18 -6.45
C ASP A 32 2.59 -13.21 -5.68
N CYS A 33 3.35 -13.71 -4.72
CA CYS A 33 4.18 -12.85 -3.90
C CYS A 33 5.48 -13.50 -3.47
N LEU A 34 6.56 -12.74 -3.57
CA LEU A 34 7.87 -13.22 -3.17
C LEU A 34 8.12 -12.86 -1.71
N PHE A 35 8.66 -13.81 -0.95
CA PHE A 35 9.01 -13.55 0.44
C PHE A 35 10.48 -13.90 0.57
N ILE A 36 11.19 -13.15 1.41
CA ILE A 36 12.59 -13.48 1.64
C ILE A 36 12.76 -13.81 3.11
N GLU A 37 13.79 -14.59 3.39
CA GLU A 37 14.11 -14.96 4.75
C GLU A 37 15.61 -14.75 4.91
N LEU A 38 15.98 -13.88 5.85
CA LEU A 38 17.39 -13.63 6.13
C LEU A 38 17.68 -14.23 7.50
N ILE A 39 18.75 -15.01 7.60
CA ILE A 39 19.11 -15.64 8.86
C ILE A 39 20.44 -15.06 9.32
N ASP A 40 20.50 -14.57 10.56
CA ASP A 40 21.75 -13.99 11.07
C ASP A 40 22.70 -15.06 11.59
N ASP A 41 23.84 -14.62 12.13
CA ASP A 41 24.86 -15.54 12.63
C ASP A 41 24.50 -16.34 13.87
N LYS A 42 23.33 -16.08 14.45
CA LYS A 42 22.88 -16.82 15.62
C LYS A 42 21.72 -17.71 15.23
N GLY A 43 21.48 -17.79 13.92
CA GLY A 43 20.42 -18.64 13.41
C GLY A 43 19.02 -18.06 13.56
N ASN A 44 18.93 -16.74 13.71
CA ASN A 44 17.63 -16.08 13.83
C ASN A 44 17.12 -15.69 12.46
N ALA A 45 15.90 -16.12 12.15
CA ALA A 45 15.27 -15.85 10.87
C ALA A 45 14.32 -14.65 10.90
N TYR A 46 14.40 -13.83 9.85
CA TYR A 46 13.56 -12.64 9.70
C TYR A 46 13.03 -12.63 8.28
N PHE A 47 11.73 -12.37 8.14
CA PHE A 47 11.09 -12.39 6.83
C PHE A 47 10.73 -11.02 6.27
N GLY A 48 10.72 -10.94 4.95
CA GLY A 48 10.37 -9.71 4.27
C GLY A 48 9.38 -10.06 3.18
N GLU A 49 8.40 -9.19 2.97
CA GLU A 49 7.38 -9.38 1.93
C GLU A 49 7.61 -8.36 0.83
N CYS A 50 7.74 -8.85 -0.40
CA CYS A 50 7.96 -7.99 -1.57
C CYS A 50 6.62 -7.56 -2.17
N ASN A 51 6.52 -6.31 -2.58
CA ASN A 51 5.27 -5.84 -3.17
C ASN A 51 5.20 -5.87 -4.68
N ALA A 52 6.23 -6.44 -5.30
CA ALA A 52 6.27 -6.55 -6.76
C ALA A 52 5.33 -7.67 -7.21
N PHE A 53 4.85 -7.56 -8.44
CA PHE A 53 3.95 -8.56 -8.98
C PHE A 53 4.69 -9.47 -9.96
N GLN A 54 4.01 -10.51 -10.42
CA GLN A 54 4.60 -11.48 -11.34
C GLN A 54 5.04 -10.81 -12.65
N THR A 55 4.20 -9.91 -13.17
CA THR A 55 4.50 -9.20 -14.40
C THR A 55 4.55 -7.70 -14.12
N ASP A 56 5.01 -6.92 -15.10
CA ASP A 56 5.15 -5.48 -14.95
C ASP A 56 3.93 -4.63 -15.27
N TRP A 57 2.73 -5.12 -14.98
CA TRP A 57 1.53 -4.35 -15.27
C TRP A 57 1.40 -3.10 -14.40
N TYR A 58 2.02 -3.13 -13.24
CA TYR A 58 1.96 -1.99 -12.32
C TYR A 58 3.29 -1.22 -12.28
N ASP A 59 4.40 -1.96 -12.23
CA ASP A 59 5.71 -1.35 -12.15
C ASP A 59 6.75 -2.16 -12.92
N HIS A 60 7.89 -1.55 -13.23
CA HIS A 60 8.92 -2.26 -13.99
C HIS A 60 9.60 -3.36 -13.17
N GLU A 61 9.56 -3.27 -11.85
CA GLU A 61 10.16 -4.31 -11.02
C GLU A 61 9.13 -5.42 -10.86
N THR A 62 9.60 -6.66 -10.97
CA THR A 62 8.74 -7.85 -10.87
C THR A 62 9.32 -8.79 -9.81
N ILE A 63 8.59 -9.86 -9.49
CA ILE A 63 9.06 -10.83 -8.53
C ILE A 63 10.42 -11.36 -8.99
N ALA A 64 10.53 -11.69 -10.27
CA ALA A 64 11.77 -12.22 -10.82
C ALA A 64 12.94 -11.21 -10.76
N SER A 65 12.68 -9.96 -11.14
CA SER A 65 13.76 -8.97 -11.12
C SER A 65 14.23 -8.71 -9.68
N VAL A 66 13.29 -8.67 -8.75
CA VAL A 66 13.64 -8.44 -7.35
C VAL A 66 14.44 -9.61 -6.79
N LYS A 67 14.04 -10.82 -7.13
CA LYS A 67 14.74 -12.02 -6.65
C LYS A 67 16.21 -11.94 -7.08
N HIS A 68 16.43 -11.60 -8.34
CA HIS A 68 17.80 -11.49 -8.85
C HIS A 68 18.58 -10.38 -8.14
N VAL A 69 17.93 -9.23 -7.94
CA VAL A 69 18.58 -8.11 -7.27
C VAL A 69 18.95 -8.44 -5.82
N ILE A 70 18.01 -9.02 -5.08
CA ILE A 70 18.29 -9.36 -3.69
C ILE A 70 19.32 -10.48 -3.59
N GLU A 71 19.30 -11.41 -4.54
CA GLU A 71 20.23 -12.51 -4.53
C GLU A 71 21.66 -11.98 -4.69
N GLN A 72 21.83 -11.03 -5.61
CA GLN A 72 23.16 -10.46 -5.83
C GLN A 72 23.55 -9.60 -4.63
N TRP A 73 22.58 -8.87 -4.08
CA TRP A 73 22.83 -8.03 -2.92
C TRP A 73 23.39 -8.85 -1.77
N PHE A 74 22.81 -10.02 -1.54
CA PHE A 74 23.25 -10.90 -0.46
C PHE A 74 24.68 -11.35 -0.70
N GLU A 75 25.00 -11.70 -1.94
CA GLU A 75 26.35 -12.14 -2.26
C GLU A 75 27.37 -11.04 -1.93
N ASP A 76 26.96 -9.79 -2.08
CA ASP A 76 27.85 -8.66 -1.80
C ASP A 76 27.87 -8.21 -0.35
N ASN A 77 26.88 -8.61 0.44
CA ASN A 77 26.82 -8.18 1.84
C ASN A 77 26.81 -9.27 2.90
N ARG A 78 26.76 -10.53 2.47
CA ARG A 78 26.75 -11.64 3.41
C ARG A 78 28.00 -11.66 4.27
N ASN A 79 27.84 -12.03 5.54
CA ASN A 79 28.93 -12.12 6.50
C ASN A 79 29.52 -10.78 6.96
N LYS A 80 28.94 -9.68 6.48
CA LYS A 80 29.41 -8.36 6.90
C LYS A 80 28.74 -8.02 8.23
N SER A 81 29.52 -7.58 9.20
CA SER A 81 28.98 -7.24 10.50
C SER A 81 28.49 -5.81 10.60
N PHE A 82 27.39 -5.63 11.32
CA PHE A 82 26.81 -4.32 11.57
C PHE A 82 26.16 -4.37 12.94
N GLU A 83 26.30 -3.30 13.70
CA GLU A 83 25.77 -3.25 15.06
C GLU A 83 24.49 -2.45 15.25
N THR A 84 24.06 -1.71 14.23
CA THR A 84 22.86 -0.90 14.38
C THR A 84 21.96 -0.89 13.15
N TYR A 85 20.73 -0.44 13.36
CA TYR A 85 19.74 -0.32 12.29
C TYR A 85 20.31 0.62 11.24
N GLU A 86 20.81 1.77 11.70
CA GLU A 86 21.38 2.75 10.79
C GLU A 86 22.49 2.14 9.95
N ALA A 87 23.36 1.34 10.56
CA ALA A 87 24.45 0.69 9.85
C ALA A 87 23.90 -0.31 8.84
N ALA A 88 22.85 -1.00 9.25
CA ALA A 88 22.22 -2.00 8.38
C ALA A 88 21.67 -1.34 7.12
N LEU A 89 21.01 -0.20 7.30
CA LEU A 89 20.43 0.53 6.16
C LEU A 89 21.49 0.99 5.16
N LYS A 90 22.70 1.23 5.65
CA LYS A 90 23.78 1.67 4.76
C LYS A 90 24.09 0.64 3.70
N LEU A 91 23.88 -0.63 4.02
CA LEU A 91 24.16 -1.71 3.08
C LEU A 91 23.19 -1.73 1.90
N VAL A 92 22.04 -1.09 2.05
CA VAL A 92 21.06 -1.07 0.96
C VAL A 92 21.01 0.27 0.23
N ASP A 93 21.92 1.19 0.55
CA ASP A 93 21.95 2.48 -0.12
C ASP A 93 22.09 2.31 -1.63
N SER A 94 22.78 1.26 -2.05
CA SER A 94 23.01 0.99 -3.46
C SER A 94 21.81 0.37 -4.18
N LEU A 95 20.70 0.22 -3.47
CA LEU A 95 19.50 -0.38 -4.07
C LEU A 95 18.39 0.63 -4.31
N GLU A 96 18.71 1.91 -4.19
CA GLU A 96 17.70 2.94 -4.38
C GLU A 96 17.08 2.96 -5.78
N ASN A 97 17.80 2.42 -6.75
CA ASN A 97 17.31 2.36 -8.13
C ASN A 97 16.28 1.24 -8.30
N THR A 98 16.22 0.35 -7.32
CA THR A 98 15.28 -0.77 -7.32
C THR A 98 14.56 -0.74 -5.96
N PRO A 99 13.68 0.25 -5.77
CA PRO A 99 12.91 0.43 -4.54
C PRO A 99 12.12 -0.78 -4.01
N ALA A 100 11.51 -1.54 -4.90
CA ALA A 100 10.74 -2.71 -4.46
C ALA A 100 11.65 -3.74 -3.79
N ALA A 101 12.83 -3.96 -4.39
CA ALA A 101 13.78 -4.91 -3.84
C ALA A 101 14.31 -4.38 -2.51
N ARG A 102 14.66 -3.10 -2.50
CA ARG A 102 15.18 -2.46 -1.29
C ARG A 102 14.19 -2.55 -0.15
N ALA A 103 12.93 -2.26 -0.43
CA ALA A 103 11.89 -2.29 0.60
C ALA A 103 11.73 -3.66 1.24
N THR A 104 11.90 -4.71 0.43
CA THR A 104 11.77 -6.07 0.92
C THR A 104 12.84 -6.39 1.95
N ILE A 105 14.08 -6.00 1.64
CA ILE A 105 15.18 -6.23 2.55
C ILE A 105 15.03 -5.37 3.81
N VAL A 106 14.63 -4.13 3.64
CA VAL A 106 14.45 -3.23 4.78
C VAL A 106 13.41 -3.75 5.77
N MET A 107 12.35 -4.37 5.25
CA MET A 107 11.31 -4.91 6.13
C MET A 107 11.92 -5.94 7.07
N ALA A 108 12.83 -6.75 6.56
CA ALA A 108 13.48 -7.76 7.37
C ALA A 108 14.47 -7.13 8.35
N LEU A 109 15.29 -6.19 7.84
CA LEU A 109 16.28 -5.52 8.68
C LEU A 109 15.63 -4.79 9.85
N TYR A 110 14.51 -4.12 9.59
CA TYR A 110 13.80 -3.39 10.62
C TYR A 110 13.48 -4.28 11.83
N GLN A 111 13.08 -5.52 11.57
CA GLN A 111 12.73 -6.43 12.65
C GLN A 111 13.91 -6.86 13.50
N MET A 112 15.12 -6.69 12.97
CA MET A 112 16.32 -7.07 13.71
C MET A 112 16.70 -6.05 14.77
N PHE A 113 16.09 -4.87 14.72
CA PHE A 113 16.43 -3.80 15.64
C PHE A 113 15.29 -3.09 16.36
N HIS A 114 14.07 -3.62 16.27
CA HIS A 114 12.93 -2.99 16.92
C HIS A 114 11.99 -4.00 17.57
N VAL A 115 11.37 -3.59 18.68
CA VAL A 115 10.42 -4.44 19.37
C VAL A 115 9.07 -4.03 18.78
N LEU A 116 8.47 -4.91 18.00
CA LEU A 116 7.20 -4.62 17.34
C LEU A 116 6.02 -4.55 18.29
N PRO A 117 5.25 -3.44 18.21
CA PRO A 117 4.09 -3.25 19.07
C PRO A 117 2.79 -3.80 18.49
N SER A 118 1.78 -3.88 19.34
CA SER A 118 0.46 -4.32 18.93
C SER A 118 -0.26 -2.98 18.94
N PHE A 119 -1.07 -2.72 17.92
CA PHE A 119 -1.75 -1.44 17.84
C PHE A 119 -2.91 -1.51 16.87
N SER A 120 -3.66 -0.43 16.78
CA SER A 120 -4.79 -0.37 15.86
C SER A 120 -4.68 0.87 14.98
N VAL A 121 -5.44 0.87 13.90
CA VAL A 121 -5.49 2.01 12.98
C VAL A 121 -6.96 2.15 12.61
N ALA A 122 -7.34 3.34 12.15
CA ALA A 122 -8.73 3.56 11.77
C ALA A 122 -9.14 2.70 10.58
N TYR A 123 -10.39 2.24 10.60
CA TYR A 123 -10.92 1.43 9.50
C TYR A 123 -11.53 2.36 8.45
N GLY A 124 -11.05 2.22 7.23
CA GLY A 124 -11.57 3.00 6.13
C GLY A 124 -12.15 2.02 5.14
N ALA A 125 -13.43 2.16 4.82
CA ALA A 125 -14.07 1.23 3.90
C ALA A 125 -13.92 1.71 2.46
N THR A 126 -13.92 0.77 1.53
CA THR A 126 -13.80 1.09 0.11
C THR A 126 -14.96 0.42 -0.61
N ALA A 127 -15.75 1.21 -1.33
CA ALA A 127 -16.89 0.69 -2.07
C ALA A 127 -16.78 1.03 -3.55
N SER A 128 -16.90 0.01 -4.40
CA SER A 128 -16.82 0.19 -5.84
C SER A 128 -18.21 0.45 -6.39
N GLY A 129 -19.19 0.32 -5.51
CA GLY A 129 -20.57 0.54 -5.88
C GLY A 129 -21.37 0.44 -4.59
N LEU A 130 -22.68 0.25 -4.71
CA LEU A 130 -23.50 0.14 -3.51
C LEU A 130 -24.50 -1.00 -3.57
N SER A 131 -24.00 -2.23 -3.54
CA SER A 131 -24.84 -3.40 -3.55
C SER A 131 -25.41 -3.54 -2.13
N ASN A 132 -26.38 -4.42 -1.95
CA ASN A 132 -26.96 -4.61 -0.64
C ASN A 132 -25.88 -5.15 0.30
N LYS A 133 -25.04 -6.04 -0.21
CA LYS A 133 -23.97 -6.61 0.59
C LYS A 133 -23.04 -5.50 1.07
N GLN A 134 -22.69 -4.59 0.17
CA GLN A 134 -21.81 -3.48 0.51
C GLN A 134 -22.48 -2.56 1.52
N LEU A 135 -23.73 -2.19 1.25
CA LEU A 135 -24.44 -1.27 2.14
C LEU A 135 -24.62 -1.85 3.54
N GLU A 136 -24.95 -3.14 3.63
CA GLU A 136 -25.12 -3.76 4.93
C GLU A 136 -23.80 -3.79 5.69
N SER A 137 -22.70 -3.99 4.97
CA SER A 137 -21.38 -4.00 5.59
C SER A 137 -21.08 -2.63 6.19
N LEU A 138 -21.36 -1.58 5.43
CA LEU A 138 -21.11 -0.22 5.91
C LEU A 138 -21.93 0.08 7.17
N LYS A 139 -23.20 -0.32 7.16
CA LYS A 139 -24.06 -0.07 8.31
C LYS A 139 -23.59 -0.79 9.57
N ALA A 140 -23.14 -2.03 9.40
CA ALA A 140 -22.68 -2.84 10.53
C ALA A 140 -21.31 -2.46 11.07
N THR A 141 -20.39 -2.08 10.19
CA THR A 141 -19.03 -1.75 10.62
C THR A 141 -18.79 -0.30 11.01
N LYS A 142 -19.62 0.61 10.52
CA LYS A 142 -19.52 2.03 10.83
C LYS A 142 -18.13 2.64 10.64
N PRO A 143 -17.58 2.55 9.43
CA PRO A 143 -16.25 3.11 9.15
C PRO A 143 -16.23 4.63 9.32
N THR A 144 -15.09 5.18 9.71
CA THR A 144 -14.98 6.62 9.88
C THR A 144 -14.63 7.29 8.56
N ARG A 145 -14.37 6.48 7.54
CA ARG A 145 -14.07 6.98 6.21
C ARG A 145 -14.56 5.98 5.19
N ILE A 146 -15.17 6.50 4.12
CA ILE A 146 -15.67 5.65 3.04
C ILE A 146 -15.11 6.18 1.73
N LYS A 147 -14.43 5.31 0.99
CA LYS A 147 -13.88 5.69 -0.30
C LYS A 147 -14.79 5.08 -1.36
N LEU A 148 -15.54 5.94 -2.04
CA LEU A 148 -16.48 5.50 -3.06
C LEU A 148 -15.90 5.68 -4.45
N LYS A 149 -15.99 4.62 -5.25
CA LYS A 149 -15.49 4.66 -6.62
C LYS A 149 -16.41 5.49 -7.51
N TRP A 150 -15.82 6.32 -8.36
CA TRP A 150 -16.63 7.12 -9.27
C TRP A 150 -17.26 6.22 -10.34
N THR A 151 -18.59 6.30 -10.46
CA THR A 151 -19.34 5.55 -11.47
C THR A 151 -20.45 6.50 -11.90
N PRO A 152 -21.23 6.13 -12.92
CA PRO A 152 -22.31 7.04 -13.33
C PRO A 152 -23.35 7.26 -12.22
N GLN A 153 -23.33 6.38 -11.23
CA GLN A 153 -24.28 6.44 -10.12
C GLN A 153 -23.77 7.20 -8.89
N ILE A 154 -22.59 7.79 -8.99
CA ILE A 154 -22.00 8.47 -7.83
C ILE A 154 -22.92 9.37 -6.99
N MET A 155 -23.64 10.30 -7.61
CA MET A 155 -24.49 11.20 -6.83
C MET A 155 -25.68 10.45 -6.23
N HIS A 156 -26.22 9.48 -6.97
CA HIS A 156 -27.36 8.71 -6.45
C HIS A 156 -26.93 7.83 -5.29
N GLN A 157 -25.64 7.49 -5.25
CA GLN A 157 -25.12 6.66 -4.17
C GLN A 157 -24.72 7.49 -2.95
N ILE A 158 -24.18 8.69 -3.17
CA ILE A 158 -23.83 9.54 -2.05
C ILE A 158 -25.11 9.87 -1.28
N ARG A 159 -26.22 10.00 -2.01
CA ARG A 159 -27.49 10.32 -1.37
C ARG A 159 -27.86 9.24 -0.36
N VAL A 160 -27.57 7.98 -0.70
CA VAL A 160 -27.86 6.87 0.19
C VAL A 160 -26.89 6.90 1.38
N LEU A 161 -25.60 7.10 1.10
CA LEU A 161 -24.60 7.13 2.16
C LEU A 161 -24.84 8.20 3.21
N ARG A 162 -25.34 9.36 2.79
CA ARG A 162 -25.57 10.44 3.73
C ARG A 162 -26.77 10.20 4.66
N GLU A 163 -27.46 9.08 4.46
CA GLU A 163 -28.58 8.74 5.32
C GLU A 163 -28.16 7.70 6.36
N LEU A 164 -26.90 7.28 6.30
CA LEU A 164 -26.38 6.31 7.27
C LEU A 164 -26.42 6.99 8.64
N ASP A 165 -26.61 6.22 9.71
CA ASP A 165 -26.69 6.83 11.04
C ASP A 165 -25.35 7.13 11.72
N PHE A 166 -24.28 7.26 10.94
CA PHE A 166 -22.98 7.60 11.48
C PHE A 166 -22.25 8.54 10.54
N HIS A 167 -21.44 9.43 11.12
CA HIS A 167 -20.69 10.39 10.33
C HIS A 167 -19.38 9.78 9.84
N PHE A 168 -18.99 10.16 8.63
CA PHE A 168 -17.76 9.64 8.06
C PHE A 168 -17.19 10.63 7.06
N GLN A 169 -15.88 10.50 6.81
CA GLN A 169 -15.20 11.34 5.83
C GLN A 169 -15.41 10.64 4.50
N LEU A 170 -15.75 11.41 3.47
CA LEU A 170 -15.98 10.84 2.15
C LEU A 170 -14.85 11.10 1.17
N VAL A 171 -14.30 10.03 0.63
CA VAL A 171 -13.24 10.13 -0.37
C VAL A 171 -13.77 9.50 -1.65
N ILE A 172 -13.43 10.09 -2.80
CA ILE A 172 -13.87 9.54 -4.08
C ILE A 172 -12.64 9.12 -4.85
N ASP A 173 -12.71 7.98 -5.53
CA ASP A 173 -11.59 7.50 -6.34
C ASP A 173 -12.11 7.42 -7.77
N ALA A 174 -11.58 8.28 -8.64
CA ALA A 174 -12.00 8.33 -10.04
C ALA A 174 -11.14 7.49 -10.99
N ASN A 175 -10.11 6.85 -10.44
CA ASN A 175 -9.24 5.95 -11.20
C ASN A 175 -8.76 6.46 -12.57
N GLU A 176 -8.34 7.72 -12.65
CA GLU A 176 -7.85 8.30 -13.90
C GLU A 176 -8.82 8.03 -15.04
N SER A 177 -10.11 8.19 -14.79
CA SER A 177 -11.12 7.89 -15.81
C SER A 177 -12.03 9.03 -16.26
N LEU A 178 -11.88 10.22 -15.70
CA LEU A 178 -12.77 11.32 -16.06
C LEU A 178 -12.35 12.15 -17.27
N ASP A 179 -13.33 12.80 -17.90
CA ASP A 179 -13.09 13.63 -19.06
C ASP A 179 -13.80 14.98 -18.93
N ARG A 180 -13.70 15.81 -19.96
CA ARG A 180 -14.32 17.13 -19.94
C ARG A 180 -15.81 17.13 -19.65
N GLN A 181 -16.49 16.02 -19.99
CA GLN A 181 -17.92 15.94 -19.75
C GLN A 181 -18.26 15.72 -18.28
N ASP A 182 -17.23 15.44 -17.48
CA ASP A 182 -17.42 15.20 -16.05
C ASP A 182 -17.20 16.44 -15.19
N PHE A 183 -16.79 17.54 -15.81
CA PHE A 183 -16.53 18.78 -15.08
C PHE A 183 -17.71 19.22 -14.22
N THR A 184 -18.90 19.29 -14.82
CA THR A 184 -20.09 19.73 -14.09
C THR A 184 -20.36 18.89 -12.85
N GLN A 185 -20.29 17.57 -12.97
CA GLN A 185 -20.53 16.71 -11.82
C GLN A 185 -19.40 16.85 -10.80
N LEU A 186 -18.18 17.05 -11.29
CA LEU A 186 -17.04 17.21 -10.40
C LEU A 186 -17.23 18.43 -9.50
N GLN A 187 -17.78 19.51 -10.08
CA GLN A 187 -18.01 20.73 -9.33
C GLN A 187 -19.18 20.57 -8.38
N LEU A 188 -20.16 19.76 -8.77
CA LEU A 188 -21.32 19.52 -7.92
C LEU A 188 -20.88 18.69 -6.72
N LEU A 189 -19.91 17.81 -6.96
CA LEU A 189 -19.39 16.93 -5.93
C LEU A 189 -18.67 17.75 -4.85
N ALA A 190 -18.20 18.94 -5.23
CA ALA A 190 -17.49 19.80 -4.29
C ALA A 190 -18.40 20.25 -3.15
N ARG A 191 -19.71 20.19 -3.37
CA ARG A 191 -20.66 20.62 -2.36
C ARG A 191 -21.07 19.45 -1.47
N GLU A 192 -20.42 18.31 -1.64
CA GLU A 192 -20.73 17.12 -0.85
C GLU A 192 -19.69 16.79 0.22
N GLN A 193 -18.91 17.79 0.61
CA GLN A 193 -17.88 17.61 1.64
C GLN A 193 -16.96 16.43 1.35
N VAL A 194 -16.37 16.42 0.16
CA VAL A 194 -15.44 15.36 -0.22
C VAL A 194 -14.07 15.75 0.30
N LEU A 195 -13.48 14.87 1.12
CA LEU A 195 -12.17 15.11 1.70
C LEU A 195 -11.13 15.29 0.60
N TYR A 196 -11.21 14.43 -0.42
CA TYR A 196 -10.31 14.52 -1.57
C TYR A 196 -10.77 13.52 -2.60
N ILE A 197 -10.44 13.78 -3.86
CA ILE A 197 -10.78 12.88 -4.93
C ILE A 197 -9.49 12.39 -5.55
N GLU A 198 -9.33 11.07 -5.59
CA GLU A 198 -8.13 10.48 -6.16
C GLU A 198 -8.16 10.39 -7.68
N GLU A 199 -7.09 10.86 -8.30
CA GLU A 199 -6.91 10.77 -9.74
C GLU A 199 -8.11 10.98 -10.66
N PRO A 200 -8.65 12.20 -10.69
CA PRO A 200 -9.80 12.42 -11.57
C PRO A 200 -9.45 12.22 -13.05
N PHE A 201 -8.27 12.68 -13.45
CA PHE A 201 -7.86 12.58 -14.85
C PHE A 201 -6.57 11.81 -15.11
N LYS A 202 -6.55 11.07 -16.23
CA LYS A 202 -5.34 10.31 -16.60
C LYS A 202 -4.29 11.37 -16.94
N ASP A 203 -4.73 12.40 -17.67
CA ASP A 203 -3.87 13.52 -18.07
C ASP A 203 -4.06 14.60 -17.01
N ILE A 204 -3.10 14.70 -16.10
CA ILE A 204 -3.18 15.66 -15.01
C ILE A 204 -3.29 17.12 -15.46
N SER A 205 -2.88 17.41 -16.68
CA SER A 205 -2.96 18.78 -17.19
C SER A 205 -4.41 19.25 -17.32
N MET A 206 -5.34 18.30 -17.32
CA MET A 206 -6.75 18.62 -17.44
C MET A 206 -7.23 19.45 -16.24
N LEU A 207 -6.49 19.38 -15.15
CA LEU A 207 -6.83 20.14 -13.94
C LEU A 207 -6.81 21.65 -14.18
N ASP A 208 -5.98 22.09 -15.14
CA ASP A 208 -5.88 23.51 -15.43
C ASP A 208 -7.13 24.04 -16.13
N GLU A 209 -7.99 23.13 -16.58
CA GLU A 209 -9.22 23.48 -17.28
C GLU A 209 -10.41 23.81 -16.39
N VAL A 210 -10.29 23.55 -15.09
CA VAL A 210 -11.39 23.83 -14.17
C VAL A 210 -10.95 24.84 -13.11
N ALA A 211 -11.88 25.71 -12.72
CA ALA A 211 -11.60 26.73 -11.73
C ALA A 211 -11.09 26.10 -10.44
N ASP A 212 -9.93 26.55 -9.98
CA ASP A 212 -9.32 26.04 -8.76
C ASP A 212 -10.22 26.33 -7.57
N GLY A 213 -10.52 25.29 -6.79
CA GLY A 213 -11.36 25.49 -5.63
C GLY A 213 -12.83 25.18 -5.88
N THR A 214 -13.19 24.89 -7.13
CA THR A 214 -14.58 24.58 -7.45
C THR A 214 -14.79 23.07 -7.51
N ILE A 215 -13.71 22.32 -7.30
CA ILE A 215 -13.75 20.86 -7.28
C ILE A 215 -13.09 20.42 -5.99
N PRO A 216 -13.32 19.16 -5.56
CA PRO A 216 -12.71 18.69 -4.32
C PRO A 216 -11.18 18.67 -4.36
N PRO A 217 -10.52 18.59 -3.19
CA PRO A 217 -9.06 18.57 -3.15
C PRO A 217 -8.61 17.37 -3.98
N ILE A 218 -7.54 17.54 -4.76
CA ILE A 218 -7.04 16.46 -5.62
C ILE A 218 -5.93 15.64 -4.98
N ALA A 219 -6.01 14.33 -5.14
CA ALA A 219 -5.00 13.44 -4.59
C ALA A 219 -4.33 12.64 -5.69
N LEU A 220 -3.08 12.28 -5.46
CA LEU A 220 -2.32 11.45 -6.39
C LEU A 220 -2.31 10.07 -5.77
N ASP A 221 -2.47 9.04 -6.59
CA ASP A 221 -2.41 7.66 -6.14
C ASP A 221 -1.55 6.94 -7.18
N GLU A 222 -2.16 6.61 -8.32
CA GLU A 222 -1.41 5.95 -9.38
C GLU A 222 -0.18 6.76 -9.78
N LYS A 223 -0.30 8.09 -9.73
CA LYS A 223 0.81 8.96 -10.12
C LYS A 223 1.86 9.23 -9.04
N ALA A 224 1.66 8.72 -7.83
CA ALA A 224 2.63 8.91 -6.74
C ALA A 224 3.69 7.82 -6.88
N THR A 225 4.45 7.90 -7.97
CA THR A 225 5.49 6.92 -8.33
C THR A 225 6.83 6.96 -7.61
N SER A 226 7.29 8.16 -7.26
CA SER A 226 8.56 8.33 -6.57
C SER A 226 8.50 9.70 -5.93
N LEU A 227 9.32 9.93 -4.90
CA LEU A 227 9.30 11.23 -4.24
C LEU A 227 9.57 12.36 -5.22
N LEU A 228 10.57 12.18 -6.07
CA LEU A 228 10.94 13.20 -7.05
C LEU A 228 9.80 13.55 -8.01
N ASP A 229 9.14 12.52 -8.54
CA ASP A 229 8.04 12.74 -9.47
C ASP A 229 6.84 13.37 -8.77
N ILE A 230 6.59 12.97 -7.53
CA ILE A 230 5.49 13.53 -6.77
C ILE A 230 5.71 15.04 -6.57
N ILE A 231 6.94 15.41 -6.24
CA ILE A 231 7.27 16.82 -6.05
C ILE A 231 7.07 17.59 -7.35
N ASN A 232 7.51 17.00 -8.47
CA ASN A 232 7.36 17.67 -9.77
C ASN A 232 5.90 17.93 -10.10
N LEU A 233 5.03 16.97 -9.78
CA LEU A 233 3.62 17.14 -10.06
C LEU A 233 2.98 18.17 -9.13
N ILE A 234 3.41 18.18 -7.87
CA ILE A 234 2.89 19.14 -6.91
C ILE A 234 3.24 20.57 -7.30
N GLU A 235 4.44 20.76 -7.82
CA GLU A 235 4.89 22.09 -8.22
C GLU A 235 4.23 22.60 -9.49
N LEU A 236 3.66 21.70 -10.27
CA LEU A 236 3.04 22.09 -11.53
C LEU A 236 1.53 22.15 -11.51
N TYR A 237 0.90 21.27 -10.72
CA TYR A 237 -0.55 21.23 -10.69
C TYR A 237 -1.09 21.35 -9.27
N ASN A 238 -2.37 21.68 -9.17
CA ASN A 238 -3.00 21.85 -7.86
C ASN A 238 -3.28 20.53 -7.17
N VAL A 239 -2.25 19.98 -6.52
CA VAL A 239 -2.36 18.72 -5.79
C VAL A 239 -2.28 19.00 -4.30
N LYS A 240 -3.21 18.44 -3.53
CA LYS A 240 -3.24 18.65 -2.09
C LYS A 240 -3.02 17.41 -1.25
N VAL A 241 -3.27 16.24 -1.83
CA VAL A 241 -3.13 14.98 -1.11
C VAL A 241 -2.31 13.98 -1.93
N VAL A 242 -1.49 13.20 -1.24
CA VAL A 242 -0.66 12.19 -1.89
C VAL A 242 -0.79 10.87 -1.17
N VAL A 243 -1.17 9.82 -1.90
CA VAL A 243 -1.29 8.50 -1.31
C VAL A 243 0.08 7.85 -1.50
N LEU A 244 0.83 7.73 -0.41
CA LEU A 244 2.17 7.16 -0.45
C LEU A 244 2.23 5.69 -0.11
N LYS A 245 2.88 4.92 -0.97
CA LYS A 245 3.08 3.50 -0.75
C LYS A 245 4.56 3.35 -0.42
N PRO A 246 4.87 2.92 0.80
CA PRO A 246 6.25 2.74 1.26
C PRO A 246 7.21 2.06 0.29
N PHE A 247 6.76 0.99 -0.35
CA PHE A 247 7.65 0.27 -1.26
C PHE A 247 8.08 1.10 -2.46
N ARG A 248 7.24 2.03 -2.88
CA ARG A 248 7.60 2.87 -4.02
C ARG A 248 8.70 3.87 -3.66
N LEU A 249 8.81 4.18 -2.37
CA LEU A 249 9.83 5.10 -1.88
C LEU A 249 11.12 4.36 -1.55
N GLY A 250 11.05 3.04 -1.53
CA GLY A 250 12.23 2.26 -1.22
C GLY A 250 12.17 1.55 0.12
N GLY A 251 11.09 1.75 0.86
CA GLY A 251 10.96 1.08 2.14
C GLY A 251 10.56 1.93 3.33
N ILE A 252 10.33 1.23 4.45
CA ILE A 252 9.94 1.85 5.71
C ILE A 252 10.74 3.07 6.13
N ASP A 253 12.05 2.98 5.99
CA ASP A 253 12.97 4.03 6.40
C ASP A 253 12.94 5.32 5.57
N LYS A 254 12.26 5.28 4.42
CA LYS A 254 12.19 6.45 3.54
C LYS A 254 10.88 7.20 3.67
N VAL A 255 9.95 6.67 4.46
CA VAL A 255 8.64 7.28 4.62
C VAL A 255 8.61 8.63 5.33
N GLN A 256 9.18 8.70 6.54
CA GLN A 256 9.16 9.95 7.29
C GLN A 256 9.76 11.11 6.51
N THR A 257 10.95 10.90 5.94
CA THR A 257 11.61 11.95 5.17
C THR A 257 10.74 12.41 4.00
N ALA A 258 10.06 11.46 3.36
CA ALA A 258 9.20 11.79 2.24
C ALA A 258 8.04 12.65 2.74
N ILE A 259 7.45 12.23 3.85
CA ILE A 259 6.33 12.96 4.44
C ILE A 259 6.73 14.39 4.79
N ASP A 260 7.90 14.56 5.41
CA ASP A 260 8.37 15.88 5.78
C ASP A 260 8.57 16.77 4.55
N THR A 261 9.17 16.19 3.51
CA THR A 261 9.43 16.92 2.28
C THR A 261 8.13 17.32 1.59
N LEU A 262 7.19 16.40 1.50
CA LEU A 262 5.92 16.69 0.84
C LEU A 262 5.10 17.73 1.61
N LYS A 263 5.23 17.74 2.93
CA LYS A 263 4.51 18.72 3.74
C LYS A 263 5.11 20.10 3.52
N SER A 264 6.42 20.16 3.28
CA SER A 264 7.09 21.44 3.05
C SER A 264 6.64 22.01 1.71
N HIS A 265 6.01 21.17 0.89
CA HIS A 265 5.51 21.58 -0.41
C HIS A 265 4.01 21.85 -0.34
N GLY A 266 3.46 21.78 0.86
CA GLY A 266 2.04 22.05 1.07
C GLY A 266 1.07 20.92 0.76
N ALA A 267 1.54 19.69 0.85
CA ALA A 267 0.67 18.54 0.58
C ALA A 267 0.46 17.68 1.81
N LYS A 268 -0.70 17.05 1.90
CA LYS A 268 -1.00 16.16 3.01
C LYS A 268 -0.73 14.74 2.53
N VAL A 269 -0.39 13.86 3.44
CA VAL A 269 -0.06 12.49 3.07
C VAL A 269 -0.95 11.41 3.67
N VAL A 270 -1.22 10.38 2.87
CA VAL A 270 -2.02 9.24 3.30
C VAL A 270 -1.18 8.02 2.94
N ILE A 271 -0.88 7.19 3.92
CA ILE A 271 -0.10 5.98 3.69
C ILE A 271 -1.03 4.90 3.17
N GLY A 272 -0.63 4.21 2.12
CA GLY A 272 -1.48 3.16 1.55
C GLY A 272 -0.74 1.89 1.19
N GLY A 273 -1.51 0.85 0.89
CA GLY A 273 -0.92 -0.43 0.53
C GLY A 273 -1.50 -0.94 -0.78
N MET A 274 -1.07 -2.12 -1.20
CA MET A 274 -1.55 -2.70 -2.45
C MET A 274 -1.54 -4.23 -2.45
N TYR A 275 -2.72 -4.83 -2.31
CA TYR A 275 -2.87 -6.29 -2.32
C TYR A 275 -1.84 -7.02 -1.46
N GLU A 276 -1.63 -6.53 -0.25
CA GLU A 276 -0.64 -7.12 0.65
C GLU A 276 -1.11 -8.33 1.44
N TYR A 277 -0.15 -9.17 1.81
CA TYR A 277 -0.45 -10.28 2.71
C TYR A 277 -0.23 -9.71 4.11
N GLY A 278 -0.45 -10.51 5.14
CA GLY A 278 -0.34 -10.03 6.51
C GLY A 278 0.95 -9.46 7.04
N LEU A 279 2.07 -9.81 6.41
CA LEU A 279 3.35 -9.31 6.88
C LEU A 279 3.51 -7.85 6.48
N SER A 280 3.47 -7.59 5.17
CA SER A 280 3.62 -6.21 4.71
C SER A 280 2.50 -5.33 5.25
N ARG A 281 1.30 -5.88 5.38
CA ARG A 281 0.14 -5.12 5.86
C ARG A 281 0.42 -4.53 7.24
N TYR A 282 1.10 -5.29 8.08
CA TYR A 282 1.44 -4.82 9.42
C TYR A 282 2.29 -3.55 9.37
N PHE A 283 3.32 -3.57 8.54
CA PHE A 283 4.21 -2.41 8.45
C PHE A 283 3.57 -1.21 7.78
N THR A 284 2.67 -1.44 6.85
CA THR A 284 1.98 -0.33 6.21
C THR A 284 1.11 0.32 7.28
N ALA A 285 0.45 -0.51 8.09
CA ALA A 285 -0.41 0.00 9.16
C ALA A 285 0.41 0.74 10.22
N MET A 286 1.58 0.21 10.54
CA MET A 286 2.46 0.81 11.53
C MET A 286 2.80 2.24 11.14
N LEU A 287 3.06 2.45 9.86
CA LEU A 287 3.42 3.76 9.33
C LEU A 287 2.24 4.71 9.12
N ALA A 288 1.02 4.15 9.10
CA ALA A 288 -0.18 4.95 8.88
C ALA A 288 -0.27 6.21 9.75
N ARG A 289 0.09 6.09 11.02
CA ARG A 289 0.02 7.23 11.94
C ARG A 289 0.87 8.43 11.54
N LYS A 290 1.87 8.20 10.70
CA LYS A 290 2.74 9.30 10.26
C LYS A 290 2.01 10.24 9.31
N GLY A 291 0.94 9.75 8.70
CA GLY A 291 0.20 10.56 7.74
C GLY A 291 -0.65 11.67 8.32
N ASP A 292 -1.01 12.62 7.47
CA ASP A 292 -1.84 13.76 7.86
C ASP A 292 -3.28 13.30 8.03
N TYR A 293 -3.67 12.28 7.26
CA TYR A 293 -5.00 11.70 7.33
C TYR A 293 -4.82 10.22 7.66
N PRO A 294 -5.88 9.58 8.18
CA PRO A 294 -5.77 8.15 8.51
C PRO A 294 -5.33 7.36 7.28
N GLY A 295 -4.51 6.35 7.50
CA GLY A 295 -4.02 5.56 6.39
C GLY A 295 -5.03 4.68 5.68
N ASP A 296 -4.70 4.33 4.44
CA ASP A 296 -5.53 3.47 3.60
C ASP A 296 -5.07 2.03 3.84
N VAL A 297 -5.45 1.49 4.99
CA VAL A 297 -5.08 0.14 5.39
C VAL A 297 -6.21 -0.85 5.13
N THR A 298 -5.88 -1.91 4.41
CA THR A 298 -6.85 -2.96 4.05
C THR A 298 -7.05 -3.93 5.21
N PRO A 299 -8.31 -4.30 5.50
CA PRO A 299 -8.59 -5.24 6.59
C PRO A 299 -8.16 -6.67 6.31
N ALA A 300 -7.89 -7.42 7.38
CA ALA A 300 -7.53 -8.82 7.26
C ALA A 300 -8.71 -9.54 6.59
N GLY A 301 -8.41 -10.46 5.69
CA GLY A 301 -9.44 -11.23 5.01
C GLY A 301 -10.19 -10.55 3.87
N TYR A 302 -9.87 -9.29 3.59
CA TYR A 302 -10.54 -8.55 2.53
C TYR A 302 -10.32 -9.21 1.17
N TYR A 303 -9.09 -9.62 0.90
CA TYR A 303 -8.73 -10.23 -0.37
C TYR A 303 -8.53 -11.73 -0.33
N PHE A 304 -7.95 -12.21 0.75
CA PHE A 304 -7.59 -13.62 0.86
C PHE A 304 -8.21 -14.37 2.01
N GLU A 305 -8.68 -15.58 1.72
CA GLU A 305 -9.28 -16.44 2.73
C GLU A 305 -8.18 -16.96 3.66
N GLN A 306 -7.05 -17.33 3.07
CA GLN A 306 -5.90 -17.82 3.82
C GLN A 306 -4.78 -16.80 3.69
N ASP A 307 -4.08 -16.54 4.78
CA ASP A 307 -2.98 -15.57 4.78
C ASP A 307 -1.72 -16.21 5.39
N VAL A 308 -0.55 -15.63 5.11
CA VAL A 308 0.69 -16.15 5.68
C VAL A 308 0.84 -15.67 7.11
N VAL A 309 0.20 -14.54 7.42
CA VAL A 309 0.20 -13.99 8.78
C VAL A 309 -1.27 -13.78 9.11
N ALA A 310 -1.78 -14.56 10.05
CA ALA A 310 -3.19 -14.47 10.43
C ALA A 310 -3.46 -13.35 11.43
N HIS A 311 -4.71 -12.93 11.49
CA HIS A 311 -5.14 -11.89 12.41
C HIS A 311 -4.38 -10.58 12.28
N SER A 312 -3.92 -10.27 11.07
CA SER A 312 -3.17 -9.04 10.82
C SER A 312 -4.11 -7.99 10.28
N GLY A 313 -4.68 -7.20 11.19
CA GLY A 313 -5.62 -6.16 10.83
C GLY A 313 -7.06 -6.59 10.95
N ILE A 314 -7.40 -7.23 12.08
CA ILE A 314 -8.77 -7.70 12.30
C ILE A 314 -9.67 -6.53 12.66
N LEU A 315 -10.79 -6.40 11.96
CA LEU A 315 -11.73 -5.31 12.20
C LEU A 315 -12.50 -5.50 13.50
N LYS A 316 -12.38 -4.54 14.40
CA LYS A 316 -13.10 -4.58 15.67
C LYS A 316 -13.60 -3.19 16.02
N GLU A 317 -14.91 -3.02 16.03
CA GLU A 317 -15.53 -1.75 16.35
C GLU A 317 -14.89 -0.52 15.68
N GLY A 318 -14.84 -0.54 14.36
CA GLY A 318 -14.32 0.58 13.60
C GLY A 318 -12.81 0.73 13.46
N ARG A 319 -12.07 -0.21 14.02
CA ARG A 319 -10.61 -0.12 13.92
C ARG A 319 -9.99 -1.46 13.58
N LEU A 320 -8.86 -1.41 12.90
CA LEU A 320 -8.14 -2.61 12.49
C LEU A 320 -7.05 -2.89 13.51
N GLU A 321 -7.10 -4.07 14.11
CA GLU A 321 -6.15 -4.48 15.14
C GLU A 321 -4.98 -5.29 14.58
N PHE A 322 -3.77 -4.86 14.91
CA PHE A 322 -2.55 -5.53 14.46
C PHE A 322 -1.70 -6.07 15.60
N ARG A 323 -1.12 -7.24 15.36
CA ARG A 323 -0.24 -7.90 16.32
C ARG A 323 1.11 -8.09 15.63
N PRO A 324 2.19 -8.24 16.42
CA PRO A 324 3.50 -8.44 15.80
C PRO A 324 3.32 -9.59 14.80
N PRO A 325 3.72 -9.36 13.54
CA PRO A 325 3.58 -10.38 12.49
C PRO A 325 4.50 -11.58 12.55
N LEU A 326 3.90 -12.76 12.65
CA LEU A 326 4.64 -14.01 12.69
C LEU A 326 4.21 -14.86 11.51
N VAL A 327 5.08 -14.95 10.51
CA VAL A 327 4.81 -15.74 9.32
C VAL A 327 4.63 -17.23 9.66
N ASP A 328 3.61 -17.84 9.06
CA ASP A 328 3.37 -19.27 9.25
C ASP A 328 4.20 -19.91 8.13
N ILE A 329 5.36 -20.44 8.49
CA ILE A 329 6.26 -21.01 7.50
C ILE A 329 5.68 -22.17 6.69
N THR A 330 4.70 -22.88 7.24
CA THR A 330 4.11 -23.99 6.49
C THR A 330 3.29 -23.51 5.29
N GLN A 331 2.94 -22.22 5.27
CA GLN A 331 2.17 -21.63 4.17
C GLN A 331 3.07 -21.24 3.01
N LEU A 332 4.34 -21.01 3.29
CA LEU A 332 5.29 -20.62 2.25
C LEU A 332 5.85 -21.84 1.53
N GLN A 333 6.23 -21.65 0.29
CA GLN A 333 6.80 -22.71 -0.53
C GLN A 333 8.11 -22.22 -1.12
N PRO A 334 9.12 -23.10 -1.21
CA PRO A 334 10.39 -22.64 -1.77
C PRO A 334 10.13 -22.05 -3.16
N TYR A 335 10.78 -20.94 -3.47
CA TYR A 335 10.60 -20.25 -4.73
C TYR A 335 11.09 -21.04 -5.94
N GLU A 336 12.23 -21.70 -5.80
CA GLU A 336 12.81 -22.46 -6.90
C GLU A 336 13.66 -23.61 -6.37
N GLY A 337 14.20 -24.41 -7.29
CA GLY A 337 15.05 -25.51 -6.88
C GLY A 337 14.33 -26.83 -6.67
N HIS A 338 15.10 -27.82 -6.22
CA HIS A 338 14.60 -29.16 -5.97
C HIS A 338 13.39 -29.22 -5.05
N HIS A 339 13.29 -28.25 -4.14
CA HIS A 339 12.21 -28.24 -3.18
C HIS A 339 10.99 -27.44 -3.58
N HIS A 340 11.00 -26.90 -4.80
CA HIS A 340 9.84 -26.20 -5.30
C HIS A 340 9.07 -27.30 -5.99
N HIS A 341 7.91 -27.65 -5.43
CA HIS A 341 7.10 -28.72 -6.00
C HIS A 341 5.78 -28.18 -6.53
N HIS A 342 5.13 -28.97 -7.39
CA HIS A 342 3.82 -28.60 -7.92
C HIS A 342 2.98 -29.86 -7.89
N HIS A 343 1.66 -29.71 -7.82
CA HIS A 343 0.79 -30.88 -7.76
C HIS A 343 -0.44 -30.75 -8.65
MG MG B . -6.91 4.97 -5.78
#